data_8J43
#
_entry.id   8J43
#
_cell.length_a   42.521
_cell.length_b   95.904
_cell.length_c   67.395
_cell.angle_alpha   90.00
_cell.angle_beta   96.88
_cell.angle_gamma   90.00
#
_symmetry.space_group_name_H-M   'P 1 21 1'
#
loop_
_entity.id
_entity.type
_entity.pdbx_description
1 polymer 'Beta-hydroxyacid dehydrogenase, 3-hydroxyisobutyrate dehydrogenase'
2 non-polymer 'NADP NICOTINAMIDE-ADENINE-DINUCLEOTIDE PHOSPHATE'
3 non-polymer 1,2-ETHANEDIOL
4 water water
#
_entity_poly.entity_id   1
_entity_poly.type   'polypeptide(L)'
_entity_poly.pdbx_seq_one_letter_code
;MNSHPPAVTVIGLGLMGSALAAVLLDAGCPTTVWNRSAHKAQSLVDRGARLTGTPREAVEASPFVIVCVLDYDVLYSVLA
PSVDALAGKVLVNLTSGSPEQAREAMAWARSHGADYLDGAIMTTPPGVGSPEMMFLYGGPDDVFDAHRQTLAFLGDPLHL
GDDPGLASLYDVALLGLMWSTLTGWLHGTALVGAEKTSATTFTPFAVRWLTAVAGFLTTYAPQVDAGRYPGDDATVDVQI
ASIDHLLHAAASRGVDNALPELLKSVMEQARAAGHGSDSYASVIEVLRSPAPDPDEHNR
;
_entity_poly.pdbx_strand_id   A,B
#
loop_
_chem_comp.id
_chem_comp.type
_chem_comp.name
_chem_comp.formula
EDO non-polymer 1,2-ETHANEDIOL 'C2 H6 O2'
NAP non-polymer 'NADP NICOTINAMIDE-ADENINE-DINUCLEOTIDE PHOSPHATE' 'C21 H28 N7 O17 P3'
#
# COMPACT_ATOMS: atom_id res chain seq x y z
N HIS A 4 32.23 21.56 -9.77
CA HIS A 4 31.81 21.72 -11.20
C HIS A 4 31.31 20.40 -11.81
N PRO A 5 30.08 20.39 -12.34
CA PRO A 5 29.44 19.17 -12.83
C PRO A 5 30.05 18.69 -14.15
N PRO A 6 29.98 17.37 -14.42
CA PRO A 6 30.62 16.81 -15.61
C PRO A 6 29.70 16.87 -16.82
N ALA A 7 30.24 16.62 -18.02
CA ALA A 7 29.40 16.43 -19.21
C ALA A 7 28.63 15.12 -19.02
N VAL A 8 27.36 15.11 -19.39
CA VAL A 8 26.52 13.94 -19.23
C VAL A 8 25.73 13.65 -20.49
N THR A 9 25.59 12.36 -20.80
CA THR A 9 24.76 11.88 -21.89
C THR A 9 23.59 11.06 -21.36
N VAL A 10 22.41 11.27 -21.92
CA VAL A 10 21.26 10.43 -21.66
C VAL A 10 20.81 9.75 -22.96
N ILE A 11 20.74 8.41 -22.91
CA ILE A 11 20.24 7.61 -24.01
C ILE A 11 18.84 7.14 -23.67
N GLY A 12 17.86 7.63 -24.43
CA GLY A 12 16.45 7.31 -24.21
C GLY A 12 15.75 8.54 -23.66
N LEU A 13 14.79 9.06 -24.44
CA LEU A 13 14.05 10.26 -24.07
C LEU A 13 12.55 9.99 -24.03
N GLY A 14 12.19 8.87 -23.40
CA GLY A 14 10.80 8.59 -23.05
C GLY A 14 10.34 9.50 -21.92
N LEU A 15 9.20 9.16 -21.33
CA LEU A 15 8.67 9.91 -20.20
C LEU A 15 9.71 10.06 -19.11
N MET A 16 10.44 8.99 -18.80
CA MET A 16 11.45 9.06 -17.73
C MET A 16 12.78 9.65 -18.20
N GLY A 17 13.28 9.18 -19.32
CA GLY A 17 14.53 9.67 -19.89
C GLY A 17 14.56 11.20 -20.07
N SER A 18 13.46 11.75 -20.60
CA SER A 18 13.27 13.20 -20.72
C SER A 18 13.48 13.90 -19.41
N ALA A 19 12.83 13.38 -18.38
CA ALA A 19 12.88 14.03 -17.08
C ALA A 19 14.28 14.01 -16.50
N LEU A 20 15.00 12.91 -16.71
CA LEU A 20 16.41 12.81 -16.28
C LEU A 20 17.28 13.86 -16.97
N ALA A 21 17.12 13.96 -18.27
CA ALA A 21 17.85 14.97 -19.05
C ALA A 21 17.50 16.38 -18.58
N ALA A 22 16.23 16.67 -18.35
CA ALA A 22 15.82 18.01 -17.92
C ALA A 22 16.45 18.44 -16.59
N VAL A 23 16.55 17.49 -15.66
CA VAL A 23 17.17 17.74 -14.36
C VAL A 23 18.68 17.98 -14.49
N LEU A 24 19.33 17.17 -15.30
CA LEU A 24 20.76 17.30 -15.50
C LEU A 24 21.07 18.65 -16.12
N LEU A 25 20.25 19.04 -17.08
CA LEU A 25 20.33 20.32 -17.72
C LEU A 25 20.22 21.46 -16.68
N ASP A 26 19.19 21.42 -15.84
CA ASP A 26 18.99 22.45 -14.83
C ASP A 26 20.08 22.48 -13.75
N ALA A 27 20.73 21.34 -13.52
CA ALA A 27 21.88 21.30 -12.61
C ALA A 27 23.21 21.83 -13.20
N GLY A 28 23.19 22.30 -14.45
CA GLY A 28 24.39 22.89 -15.06
C GLY A 28 25.28 21.92 -15.82
N CYS A 29 24.79 20.71 -16.15
CA CYS A 29 25.61 19.75 -16.87
C CYS A 29 25.54 20.05 -18.36
N PRO A 30 26.68 20.02 -19.05
CA PRO A 30 26.58 19.96 -20.50
C PRO A 30 25.88 18.66 -20.89
N THR A 31 24.69 18.76 -21.47
CA THR A 31 23.82 17.61 -21.66
C THR A 31 23.66 17.21 -23.13
N THR A 32 24.07 15.99 -23.45
CA THR A 32 23.89 15.39 -24.78
C THR A 32 22.86 14.26 -24.70
N VAL A 33 22.04 14.14 -25.74
CA VAL A 33 20.96 13.18 -25.75
C VAL A 33 20.80 12.47 -27.07
N TRP A 34 20.20 11.28 -26.97
CA TRP A 34 19.79 10.55 -28.12
C TRP A 34 18.53 9.77 -27.81
N ASN A 35 17.67 9.68 -28.82
CA ASN A 35 16.49 8.84 -28.77
C ASN A 35 16.19 8.36 -30.19
N ARG A 36 15.68 7.13 -30.34
CA ARG A 36 15.27 6.62 -31.64
C ARG A 36 14.35 7.61 -32.37
N SER A 37 13.32 8.10 -31.69
CA SER A 37 12.47 9.17 -32.24
C SER A 37 13.00 10.53 -31.84
N ALA A 38 13.66 11.19 -32.77
CA ALA A 38 14.27 12.50 -32.52
C ALA A 38 13.29 13.57 -32.06
N HIS A 39 12.03 13.50 -32.48
CA HIS A 39 11.12 14.61 -32.15
C HIS A 39 10.95 14.77 -30.63
N LYS A 40 11.15 13.70 -29.86
CA LYS A 40 11.04 13.78 -28.40
C LYS A 40 12.13 14.61 -27.76
N ALA A 41 13.20 14.87 -28.51
CA ALA A 41 14.29 15.72 -28.04
C ALA A 41 14.02 17.21 -28.17
N GLN A 42 12.97 17.59 -28.90
CA GLN A 42 12.88 18.97 -29.35
C GLN A 42 12.89 19.98 -28.22
N SER A 43 12.09 19.73 -27.20
CA SER A 43 11.98 20.65 -26.10
C SER A 43 13.30 20.71 -25.32
N LEU A 44 13.96 19.57 -25.20
CA LEU A 44 15.27 19.53 -24.55
C LEU A 44 16.32 20.33 -25.36
N VAL A 45 16.36 20.14 -26.68
CA VAL A 45 17.28 20.88 -27.51
C VAL A 45 17.07 22.41 -27.37
N ASP A 46 15.80 22.85 -27.46
CA ASP A 46 15.43 24.26 -27.29
C ASP A 46 15.98 24.88 -26.01
N ARG A 47 16.12 24.07 -24.95
CA ARG A 47 16.62 24.50 -23.63
C ARG A 47 18.12 24.34 -23.45
N GLY A 48 18.84 23.82 -24.44
CA GLY A 48 20.30 23.66 -24.34
C GLY A 48 20.92 22.26 -24.42
N ALA A 49 20.10 21.23 -24.63
CA ALA A 49 20.63 19.88 -24.88
C ALA A 49 21.11 19.74 -26.33
N ARG A 50 22.18 18.98 -26.53
CA ARG A 50 22.62 18.59 -27.87
C ARG A 50 22.06 17.21 -28.21
N LEU A 51 21.36 17.13 -29.35
CA LEU A 51 20.90 15.86 -29.91
C LEU A 51 21.88 15.33 -30.97
N THR A 52 22.37 14.11 -30.78
CA THR A 52 23.16 13.45 -31.82
C THR A 52 22.28 12.61 -32.73
N GLY A 53 22.79 12.30 -33.92
CA GLY A 53 22.09 11.42 -34.87
C GLY A 53 22.14 9.96 -34.44
N THR A 54 23.26 9.55 -33.84
CA THR A 54 23.42 8.16 -33.39
C THR A 54 23.75 8.05 -31.91
N PRO A 55 23.49 6.87 -31.31
CA PRO A 55 23.90 6.63 -29.93
C PRO A 55 25.39 6.74 -29.72
N ARG A 56 26.17 6.28 -30.69
CA ARG A 56 27.61 6.29 -30.56
C ARG A 56 28.15 7.71 -30.30
N GLU A 57 27.69 8.68 -31.10
CA GLU A 57 28.15 10.07 -30.93
C GLU A 57 27.75 10.60 -29.55
N ALA A 58 26.60 10.16 -29.07
CA ALA A 58 26.14 10.59 -27.74
C ALA A 58 27.06 10.00 -26.68
N VAL A 59 27.38 8.72 -26.82
CA VAL A 59 28.32 8.03 -25.91
C VAL A 59 29.70 8.68 -25.93
N GLU A 60 30.21 8.99 -27.12
CA GLU A 60 31.53 9.64 -27.26
C GLU A 60 31.58 11.05 -26.65
N ALA A 61 30.44 11.72 -26.58
CA ALA A 61 30.40 13.10 -26.14
C ALA A 61 30.59 13.30 -24.62
N SER A 62 30.40 12.28 -23.81
CA SER A 62 30.43 12.46 -22.35
C SER A 62 31.17 11.31 -21.64
N PRO A 63 31.83 11.61 -20.51
CA PRO A 63 32.42 10.54 -19.69
C PRO A 63 31.37 9.78 -18.87
N PHE A 64 30.18 10.36 -18.74
CA PHE A 64 29.11 9.86 -17.88
C PHE A 64 27.87 9.65 -18.74
N VAL A 65 27.45 8.39 -18.85
CA VAL A 65 26.35 8.02 -19.70
C VAL A 65 25.23 7.34 -18.90
N ILE A 66 24.03 7.89 -19.01
CA ILE A 66 22.84 7.26 -18.44
C ILE A 66 22.02 6.65 -19.57
N VAL A 67 21.52 5.43 -19.35
CA VAL A 67 20.58 4.78 -20.27
C VAL A 67 19.26 4.55 -19.56
N CYS A 68 18.17 4.92 -20.23
CA CYS A 68 16.83 4.70 -19.69
C CYS A 68 15.91 4.43 -20.86
N VAL A 69 15.90 3.19 -21.30
CA VAL A 69 15.08 2.74 -22.43
C VAL A 69 14.08 1.69 -21.94
N LEU A 70 13.26 1.15 -22.84
CA LEU A 70 12.21 0.22 -22.42
C LEU A 70 12.74 -0.94 -21.57
N ASP A 71 13.69 -1.69 -22.13
CA ASP A 71 14.25 -2.87 -21.47
C ASP A 71 15.68 -3.11 -21.94
N TYR A 72 16.32 -4.13 -21.39
CA TYR A 72 17.74 -4.34 -21.60
C TYR A 72 18.06 -4.84 -23.01
N ASP A 73 17.12 -5.53 -23.65
CA ASP A 73 17.33 -5.93 -25.07
C ASP A 73 17.53 -4.70 -25.95
N VAL A 74 16.70 -3.69 -25.72
CA VAL A 74 16.83 -2.40 -26.42
C VAL A 74 18.17 -1.74 -26.10
N LEU A 75 18.60 -1.80 -24.84
CA LEU A 75 19.90 -1.27 -24.45
C LEU A 75 21.03 -1.91 -25.28
N TYR A 76 21.05 -3.23 -25.37
CA TYR A 76 22.11 -3.93 -26.12
C TYR A 76 22.00 -3.59 -27.61
N SER A 77 20.77 -3.50 -28.07
CA SER A 77 20.50 -3.17 -29.45
C SER A 77 21.07 -1.78 -29.82
N VAL A 78 20.80 -0.76 -29.00
CA VAL A 78 21.27 0.60 -29.33
C VAL A 78 22.73 0.85 -28.97
N LEU A 79 23.28 0.07 -28.03
CA LEU A 79 24.69 0.29 -27.60
C LEU A 79 25.68 -0.65 -28.25
N ALA A 80 25.21 -1.74 -28.86
CA ALA A 80 26.13 -2.70 -29.49
C ALA A 80 27.05 -2.03 -30.49
N PRO A 81 26.53 -1.13 -31.32
CA PRO A 81 27.42 -0.40 -32.22
C PRO A 81 28.41 0.58 -31.54
N SER A 82 28.24 0.90 -30.27
CA SER A 82 29.16 1.83 -29.57
C SER A 82 30.17 1.15 -28.64
N VAL A 83 30.27 -0.19 -28.67
CA VAL A 83 31.10 -0.88 -27.67
C VAL A 83 32.54 -0.41 -27.66
N ASP A 84 33.08 -0.05 -28.83
CA ASP A 84 34.44 0.46 -28.93
C ASP A 84 34.65 1.84 -28.29
N ALA A 85 33.56 2.55 -28.00
CA ALA A 85 33.64 3.88 -27.40
C ALA A 85 33.39 3.86 -25.90
N LEU A 86 33.11 2.69 -25.33
CA LEU A 86 32.71 2.64 -23.91
C LEU A 86 33.88 2.73 -22.94
N ALA A 87 35.10 2.44 -23.40
CA ALA A 87 36.22 2.34 -22.48
C ALA A 87 36.48 3.65 -21.74
N GLY A 88 36.61 3.56 -20.41
CA GLY A 88 36.91 4.73 -19.58
C GLY A 88 35.67 5.50 -19.20
N LYS A 89 34.52 5.09 -19.74
CA LYS A 89 33.25 5.74 -19.45
C LYS A 89 32.63 5.16 -18.16
N VAL A 90 31.66 5.87 -17.61
CA VAL A 90 30.75 5.25 -16.65
C VAL A 90 29.38 5.11 -17.31
N LEU A 91 28.79 3.93 -17.20
CA LEU A 91 27.48 3.70 -17.75
C LEU A 91 26.56 3.45 -16.56
N VAL A 92 25.52 4.27 -16.44
CA VAL A 92 24.56 4.14 -15.35
C VAL A 92 23.25 3.74 -15.97
N ASN A 93 22.86 2.50 -15.73
CA ASN A 93 21.71 1.93 -16.39
C ASN A 93 20.46 1.99 -15.52
N LEU A 94 19.53 2.90 -15.85
CA LEU A 94 18.31 3.12 -15.06
C LEU A 94 17.11 2.50 -15.75
N THR A 95 17.40 1.66 -16.74
CA THR A 95 16.38 0.83 -17.38
C THR A 95 15.85 -0.21 -16.37
N SER A 96 14.56 -0.51 -16.45
CA SER A 96 13.97 -1.57 -15.63
C SER A 96 14.42 -2.92 -16.20
N GLY A 97 14.67 -3.88 -15.29
CA GLY A 97 14.98 -5.26 -15.65
C GLY A 97 15.06 -6.17 -14.43
N SER A 98 15.48 -7.41 -14.68
CA SER A 98 15.62 -8.41 -13.63
C SER A 98 17.05 -8.43 -13.05
N PRO A 99 17.22 -8.97 -11.84
CA PRO A 99 18.57 -9.04 -11.27
C PRO A 99 19.59 -9.74 -12.19
N GLU A 100 19.12 -10.76 -12.90
CA GLU A 100 19.94 -11.58 -13.77
C GLU A 100 20.42 -10.72 -14.97
N GLN A 101 19.53 -9.91 -15.52
CA GLN A 101 19.89 -8.96 -16.58
C GLN A 101 20.89 -7.90 -16.14
N ALA A 102 20.74 -7.43 -14.90
CA ALA A 102 21.63 -6.44 -14.33
C ALA A 102 23.05 -6.96 -14.20
N ARG A 103 23.19 -8.21 -13.75
CA ARG A 103 24.52 -8.80 -13.57
C ARG A 103 25.18 -9.08 -14.90
N GLU A 104 24.39 -9.51 -15.89
CA GLU A 104 24.92 -9.70 -17.24
C GLU A 104 25.40 -8.39 -17.86
N ALA A 105 24.61 -7.33 -17.66
CA ALA A 105 24.94 -6.03 -18.25
C ALA A 105 26.23 -5.47 -17.66
N MET A 106 26.47 -5.69 -16.38
CA MET A 106 27.71 -5.26 -15.76
C MET A 106 28.91 -5.99 -16.35
N ALA A 107 28.79 -7.31 -16.50
CA ALA A 107 29.87 -8.11 -17.07
C ALA A 107 30.17 -7.60 -18.49
N TRP A 108 29.11 -7.40 -19.29
CA TRP A 108 29.25 -6.89 -20.67
C TRP A 108 29.93 -5.49 -20.74
N ALA A 109 29.51 -4.56 -19.88
CA ALA A 109 30.12 -3.22 -19.83
C ALA A 109 31.58 -3.29 -19.38
N ARG A 110 31.87 -4.13 -18.38
CA ARG A 110 33.24 -4.29 -17.92
C ARG A 110 34.12 -4.87 -19.04
N SER A 111 33.55 -5.79 -19.83
CA SER A 111 34.31 -6.41 -20.90
C SER A 111 34.77 -5.39 -21.95
N HIS A 112 34.02 -4.30 -22.09
CA HIS A 112 34.42 -3.22 -23.01
C HIS A 112 35.06 -2.03 -22.30
N GLY A 113 35.47 -2.22 -21.05
CA GLY A 113 36.29 -1.23 -20.35
C GLY A 113 35.56 -0.12 -19.64
N ALA A 114 34.24 -0.26 -19.50
CA ALA A 114 33.44 0.78 -18.84
C ALA A 114 33.18 0.45 -17.38
N ASP A 115 33.09 1.49 -16.56
CA ASP A 115 32.53 1.37 -15.23
C ASP A 115 31.01 1.28 -15.37
N TYR A 116 30.37 0.55 -14.47
CA TYR A 116 28.94 0.28 -14.57
C TYR A 116 28.24 0.29 -13.22
N LEU A 117 27.09 0.98 -13.18
CA LEU A 117 26.15 0.92 -12.07
C LEU A 117 24.79 0.60 -12.63
N ASP A 118 24.05 -0.21 -11.89
CA ASP A 118 22.67 -0.52 -12.21
C ASP A 118 21.80 0.19 -11.19
N GLY A 119 20.77 0.88 -11.70
CA GLY A 119 19.89 1.66 -10.83
C GLY A 119 18.41 1.41 -11.09
N ALA A 120 17.62 1.79 -10.08
CA ALA A 120 16.18 1.67 -10.13
C ALA A 120 15.60 2.99 -9.64
N ILE A 121 14.78 3.61 -10.47
CA ILE A 121 14.16 4.92 -10.16
C ILE A 121 12.86 4.69 -9.37
N MET A 122 12.83 5.06 -8.09
CA MET A 122 11.62 4.85 -7.28
C MET A 122 10.79 6.15 -7.20
N THR A 123 10.33 6.58 -8.37
CA THR A 123 9.48 7.77 -8.53
C THR A 123 8.98 7.82 -9.97
N THR A 124 7.89 8.55 -10.19
CA THR A 124 7.48 8.88 -11.55
C THR A 124 8.28 10.12 -11.98
N PRO A 125 8.14 10.55 -13.26
CA PRO A 125 9.02 11.63 -13.73
C PRO A 125 8.99 12.95 -12.96
N PRO A 126 7.82 13.41 -12.48
CA PRO A 126 7.82 14.68 -11.71
C PRO A 126 8.75 14.72 -10.49
N GLY A 127 8.94 13.58 -9.82
CA GLY A 127 9.79 13.52 -8.65
C GLY A 127 11.27 13.45 -8.94
N VAL A 128 11.66 13.20 -10.19
CA VAL A 128 13.07 13.22 -10.55
C VAL A 128 13.59 14.62 -10.19
N GLY A 129 14.72 14.68 -9.49
CA GLY A 129 15.26 15.94 -9.02
C GLY A 129 15.00 16.17 -7.55
N SER A 130 13.97 15.56 -7.01
CA SER A 130 13.67 15.69 -5.58
C SER A 130 14.51 14.76 -4.69
N PRO A 131 15.27 15.35 -3.74
CA PRO A 131 16.08 14.52 -2.85
C PRO A 131 15.30 13.56 -1.93
N GLU A 132 13.97 13.62 -1.89
CA GLU A 132 13.20 12.61 -1.15
C GLU A 132 12.98 11.34 -1.95
N MET A 133 13.16 11.38 -3.27
CA MET A 133 12.89 10.20 -4.09
C MET A 133 14.11 9.26 -4.16
N MET A 134 13.87 8.00 -3.80
CA MET A 134 14.92 6.98 -3.78
C MET A 134 15.34 6.59 -5.20
N PHE A 135 16.65 6.54 -5.41
CA PHE A 135 17.26 5.88 -6.55
C PHE A 135 18.15 4.79 -5.94
N LEU A 136 17.88 3.53 -6.27
CA LEU A 136 18.62 2.42 -5.67
C LEU A 136 19.69 1.96 -6.64
N TYR A 137 20.91 1.76 -6.15
CA TYR A 137 22.04 1.41 -7.00
C TYR A 137 22.72 0.16 -6.52
N GLY A 138 23.21 -0.62 -7.47
CA GLY A 138 24.09 -1.76 -7.22
C GLY A 138 25.29 -1.70 -8.15
N GLY A 139 26.42 -2.13 -7.64
CA GLY A 139 27.68 -2.08 -8.36
C GLY A 139 28.83 -1.70 -7.45
N PRO A 140 30.05 -1.59 -7.99
CA PRO A 140 31.21 -1.36 -7.13
C PRO A 140 31.18 -0.05 -6.31
N ASP A 141 31.55 -0.16 -5.04
CA ASP A 141 31.69 0.97 -4.10
C ASP A 141 32.34 2.18 -4.74
N ASP A 142 33.52 1.93 -5.32
CA ASP A 142 34.40 2.97 -5.87
C ASP A 142 33.68 3.79 -6.92
N VAL A 143 32.97 3.10 -7.81
CA VAL A 143 32.21 3.75 -8.88
C VAL A 143 31.09 4.60 -8.28
N PHE A 144 30.34 4.04 -7.35
CA PHE A 144 29.26 4.78 -6.72
C PHE A 144 29.79 6.02 -5.97
N ASP A 145 30.88 5.84 -5.24
CA ASP A 145 31.46 6.95 -4.46
C ASP A 145 32.00 8.05 -5.38
N ALA A 146 32.67 7.67 -6.48
CA ALA A 146 33.17 8.65 -7.43
C ALA A 146 32.05 9.46 -8.11
N HIS A 147 30.88 8.88 -8.27
CA HIS A 147 29.82 9.51 -9.05
C HIS A 147 28.57 9.93 -8.28
N ARG A 148 28.64 9.79 -6.96
CA ARG A 148 27.50 10.11 -6.09
C ARG A 148 26.94 11.52 -6.30
N GLN A 149 27.84 12.47 -6.41
CA GLN A 149 27.47 13.87 -6.52
C GLN A 149 26.58 14.13 -7.75
N THR A 150 26.90 13.49 -8.87
CA THR A 150 26.11 13.63 -10.09
C THR A 150 24.76 12.90 -9.91
N LEU A 151 24.80 11.68 -9.34
CA LEU A 151 23.58 10.92 -9.07
C LEU A 151 22.62 11.67 -8.13
N ALA A 152 23.19 12.38 -7.17
CA ALA A 152 22.41 13.18 -6.21
C ALA A 152 21.56 14.28 -6.88
N PHE A 153 21.95 14.70 -8.09
CA PHE A 153 21.12 15.64 -8.85
C PHE A 153 19.74 15.05 -9.16
N LEU A 154 19.68 13.72 -9.32
CA LEU A 154 18.45 13.05 -9.77
C LEU A 154 17.51 12.70 -8.63
N GLY A 155 18.09 12.54 -7.43
CA GLY A 155 17.35 12.14 -6.26
C GLY A 155 18.28 11.72 -5.13
N ASP A 156 17.77 10.89 -4.23
CA ASP A 156 18.54 10.35 -3.11
C ASP A 156 19.19 9.03 -3.53
N PRO A 157 20.51 9.05 -3.77
CA PRO A 157 21.12 7.85 -4.29
C PRO A 157 21.54 6.90 -3.19
N LEU A 158 20.96 5.72 -3.17
CA LEU A 158 21.18 4.73 -2.11
C LEU A 158 21.88 3.51 -2.68
N HIS A 159 23.11 3.29 -2.23
CA HIS A 159 23.91 2.19 -2.73
C HIS A 159 23.58 0.96 -1.92
N LEU A 160 22.99 -0.05 -2.57
CA LEU A 160 22.61 -1.27 -1.88
C LEU A 160 23.77 -2.23 -1.68
N GLY A 161 24.83 -2.10 -2.48
CA GLY A 161 25.99 -2.97 -2.32
C GLY A 161 26.62 -3.30 -3.67
N ASP A 162 27.66 -4.14 -3.63
CA ASP A 162 28.47 -4.48 -4.80
C ASP A 162 27.72 -5.22 -5.90
N ASP A 163 26.74 -6.05 -5.52
CA ASP A 163 25.99 -6.83 -6.53
C ASP A 163 25.03 -5.91 -7.34
N PRO A 164 25.23 -5.79 -8.67
CA PRO A 164 24.30 -4.95 -9.47
C PRO A 164 22.87 -5.43 -9.49
N GLY A 165 22.65 -6.74 -9.32
CA GLY A 165 21.30 -7.30 -9.31
C GLY A 165 20.47 -6.84 -8.11
N LEU A 166 21.12 -6.31 -7.07
CA LEU A 166 20.39 -5.89 -5.87
C LEU A 166 19.38 -4.78 -6.17
N ALA A 167 19.76 -3.84 -7.03
CA ALA A 167 18.87 -2.74 -7.37
C ALA A 167 17.58 -3.28 -7.93
N SER A 168 17.72 -4.17 -8.91
CA SER A 168 16.56 -4.72 -9.60
C SER A 168 15.77 -5.68 -8.70
N LEU A 169 16.46 -6.38 -7.80
CA LEU A 169 15.80 -7.26 -6.83
C LEU A 169 14.82 -6.47 -5.95
N TYR A 170 15.29 -5.37 -5.39
CA TYR A 170 14.46 -4.50 -4.58
C TYR A 170 13.36 -3.88 -5.43
N ASP A 171 13.72 -3.46 -6.63
CA ASP A 171 12.82 -2.76 -7.57
C ASP A 171 11.56 -3.58 -7.87
N VAL A 172 11.73 -4.82 -8.34
CA VAL A 172 10.56 -5.65 -8.70
C VAL A 172 9.71 -5.93 -7.47
N ALA A 173 10.36 -6.16 -6.34
CA ALA A 173 9.64 -6.38 -5.09
C ALA A 173 8.83 -5.13 -4.72
N LEU A 174 9.46 -3.96 -4.84
CA LEU A 174 8.78 -2.69 -4.56
C LEU A 174 7.68 -2.36 -5.58
N LEU A 175 7.92 -2.66 -6.85
CA LEU A 175 6.87 -2.45 -7.87
C LEU A 175 5.63 -3.32 -7.60
N GLY A 176 5.86 -4.57 -7.23
CA GLY A 176 4.77 -5.49 -6.89
C GLY A 176 3.89 -4.96 -5.76
N LEU A 177 4.56 -4.46 -4.71
CA LEU A 177 3.91 -3.70 -3.66
C LEU A 177 3.06 -2.53 -4.24
N MET A 178 3.63 -1.77 -5.16
CA MET A 178 2.93 -0.60 -5.71
C MET A 178 1.72 -1.01 -6.53
N TRP A 179 1.89 -1.95 -7.45
CA TRP A 179 0.76 -2.45 -8.24
C TRP A 179 -0.36 -3.02 -7.36
N SER A 180 0.02 -3.73 -6.31
CA SER A 180 -0.98 -4.31 -5.42
C SER A 180 -1.77 -3.20 -4.71
N THR A 181 -1.04 -2.21 -4.18
CA THR A 181 -1.67 -1.07 -3.50
C THR A 181 -2.59 -0.28 -4.44
N LEU A 182 -2.11 0.06 -5.63
CA LEU A 182 -2.89 0.84 -6.60
C LEU A 182 -4.19 0.14 -6.97
N THR A 183 -4.12 -1.17 -7.18
CA THR A 183 -5.27 -1.95 -7.61
C THR A 183 -6.29 -2.09 -6.45
N GLY A 184 -5.80 -2.39 -5.24
CA GLY A 184 -6.68 -2.38 -4.05
C GLY A 184 -7.33 -1.03 -3.80
N TRP A 185 -6.55 0.04 -4.00
CA TRP A 185 -7.07 1.41 -3.87
C TRP A 185 -8.16 1.63 -4.89
N LEU A 186 -7.89 1.27 -6.14
CA LEU A 186 -8.88 1.47 -7.22
C LEU A 186 -10.14 0.65 -6.99
N HIS A 187 -9.98 -0.57 -6.51
CA HIS A 187 -11.15 -1.41 -6.18
C HIS A 187 -12.04 -0.75 -5.10
N GLY A 188 -11.42 -0.29 -4.03
CA GLY A 188 -12.13 0.44 -2.98
C GLY A 188 -12.77 1.74 -3.45
N THR A 189 -12.03 2.48 -4.28
CA THR A 189 -12.53 3.70 -4.88
C THR A 189 -13.81 3.46 -5.73
N ALA A 190 -13.79 2.41 -6.54
CA ALA A 190 -14.99 1.99 -7.28
C ALA A 190 -16.17 1.74 -6.33
N LEU A 191 -15.88 1.05 -5.25
CA LEU A 191 -16.89 0.71 -4.27
C LEU A 191 -17.57 1.94 -3.66
N VAL A 192 -16.78 2.85 -3.07
CA VAL A 192 -17.39 4.02 -2.43
C VAL A 192 -17.97 4.94 -3.49
N GLY A 193 -17.40 4.91 -4.69
CA GLY A 193 -17.90 5.71 -5.83
C GLY A 193 -19.31 5.35 -6.30
N ALA A 194 -19.66 4.07 -6.25
CA ALA A 194 -21.04 3.63 -6.49
C ALA A 194 -22.04 4.34 -5.55
N GLU A 195 -21.57 4.78 -4.38
CA GLU A 195 -22.40 5.53 -3.43
C GLU A 195 -22.21 7.03 -3.55
N LYS A 196 -21.61 7.51 -4.65
CA LYS A 196 -21.41 8.95 -4.89
C LYS A 196 -20.41 9.65 -3.99
N THR A 197 -19.53 8.88 -3.35
CA THR A 197 -18.34 9.43 -2.71
C THR A 197 -17.23 9.51 -3.77
N SER A 198 -16.74 10.72 -4.06
CA SER A 198 -15.74 10.91 -5.12
C SER A 198 -14.41 10.34 -4.70
N ALA A 199 -13.57 9.98 -5.68
CA ALA A 199 -12.20 9.52 -5.42
C ALA A 199 -11.40 10.57 -4.65
N THR A 200 -11.64 11.82 -4.97
CA THR A 200 -10.95 12.92 -4.32
C THR A 200 -11.39 13.10 -2.85
N THR A 201 -12.62 12.69 -2.53
CA THR A 201 -13.06 12.66 -1.14
C THR A 201 -12.51 11.44 -0.36
N PHE A 202 -12.51 10.27 -1.00
CA PHE A 202 -12.06 9.03 -0.36
C PHE A 202 -10.53 8.98 -0.15
N THR A 203 -9.78 9.51 -1.11
CA THR A 203 -8.36 9.25 -1.18
C THR A 203 -7.55 9.78 0.00
N PRO A 204 -7.86 10.98 0.52
CA PRO A 204 -7.13 11.42 1.72
C PRO A 204 -7.24 10.43 2.90
N PHE A 205 -8.38 9.73 3.02
CA PHE A 205 -8.52 8.68 4.05
C PHE A 205 -7.61 7.50 3.73
N ALA A 206 -7.54 7.12 2.46
CA ALA A 206 -6.63 6.07 2.00
C ALA A 206 -5.17 6.41 2.27
N VAL A 207 -4.79 7.65 2.00
CA VAL A 207 -3.41 8.08 2.18
C VAL A 207 -3.06 7.95 3.66
N ARG A 208 -3.92 8.49 4.50
CA ARG A 208 -3.69 8.45 5.94
C ARG A 208 -3.63 7.04 6.48
N TRP A 209 -4.57 6.20 6.02
CA TRP A 209 -4.57 4.79 6.34
C TRP A 209 -3.27 4.10 5.96
N LEU A 210 -2.66 4.49 4.84
CA LEU A 210 -1.43 3.84 4.41
C LEU A 210 -0.28 4.04 5.39
N THR A 211 -0.32 5.13 6.16
CA THR A 211 0.67 5.37 7.20
C THR A 211 0.58 4.27 8.26
N ALA A 212 -0.63 3.97 8.72
CA ALA A 212 -0.83 2.89 9.69
C ALA A 212 -0.50 1.50 9.09
N VAL A 213 -0.83 1.30 7.81
CA VAL A 213 -0.51 0.05 7.15
C VAL A 213 1.02 -0.11 7.07
N ALA A 214 1.73 0.96 6.76
CA ALA A 214 3.19 0.89 6.68
C ALA A 214 3.76 0.47 8.04
N GLY A 215 3.12 0.93 9.11
CA GLY A 215 3.46 0.49 10.49
C GLY A 215 3.22 -1.00 10.72
N PHE A 216 2.20 -1.57 10.08
CA PHE A 216 1.99 -3.01 10.15
C PHE A 216 3.17 -3.75 9.49
N LEU A 217 3.66 -3.22 8.38
CA LEU A 217 4.82 -3.84 7.71
C LEU A 217 6.02 -3.88 8.67
N THR A 218 6.28 -2.75 9.34
CA THR A 218 7.36 -2.66 10.30
C THR A 218 7.25 -3.69 11.45
N THR A 219 6.06 -3.83 12.02
CA THR A 219 5.79 -4.82 13.04
C THR A 219 6.01 -6.26 12.55
N TYR A 220 5.56 -6.56 11.33
CA TYR A 220 5.55 -7.92 10.86
C TYR A 220 6.89 -8.41 10.27
N ALA A 221 7.77 -7.49 9.89
CA ALA A 221 9.10 -7.85 9.35
C ALA A 221 9.87 -8.89 10.21
N PRO A 222 10.05 -8.62 11.53
CA PRO A 222 10.78 -9.61 12.32
C PRO A 222 10.03 -10.96 12.41
N GLN A 223 8.70 -10.94 12.30
CA GLN A 223 7.93 -12.18 12.23
C GLN A 223 8.25 -12.95 10.95
N VAL A 224 8.24 -12.27 9.80
CA VAL A 224 8.62 -12.90 8.54
C VAL A 224 10.02 -13.55 8.63
N ASP A 225 11.00 -12.84 9.16
CA ASP A 225 12.36 -13.39 9.25
C ASP A 225 12.47 -14.61 10.19
N ALA A 226 11.69 -14.60 11.28
CA ALA A 226 11.67 -15.70 12.25
C ALA A 226 10.87 -16.93 11.79
N GLY A 227 9.90 -16.75 10.91
CA GLY A 227 8.98 -17.83 10.57
C GLY A 227 7.96 -18.08 11.69
N ARG A 228 7.68 -17.05 12.48
CA ARG A 228 6.77 -17.18 13.61
C ARG A 228 5.92 -15.93 13.70
N TYR A 229 4.60 -16.12 13.81
CA TYR A 229 3.63 -15.07 13.50
C TYR A 229 2.57 -14.87 14.59
N PRO A 230 2.97 -14.33 15.75
CA PRO A 230 2.02 -14.33 16.88
C PRO A 230 0.78 -13.47 16.60
N GLY A 231 -0.41 -14.01 16.85
CA GLY A 231 -1.67 -13.31 16.62
C GLY A 231 -2.05 -12.39 17.76
N ASP A 232 -1.15 -11.49 18.15
CA ASP A 232 -1.31 -10.55 19.28
C ASP A 232 -2.17 -9.33 18.96
N ASP A 233 -2.22 -8.95 17.68
CA ASP A 233 -2.92 -7.74 17.24
C ASP A 233 -4.22 -8.07 16.51
N ALA A 234 -4.12 -8.90 15.49
CA ALA A 234 -5.27 -9.33 14.71
C ALA A 234 -4.96 -10.65 14.02
N THR A 235 -5.94 -11.53 13.92
CA THR A 235 -5.73 -12.89 13.41
C THR A 235 -6.24 -13.08 11.97
N VAL A 236 -5.62 -14.04 11.29
CA VAL A 236 -6.05 -14.43 9.94
C VAL A 236 -7.55 -14.78 9.92
N ASP A 237 -8.01 -15.51 10.93
CA ASP A 237 -9.44 -15.93 10.97
C ASP A 237 -10.37 -14.73 11.03
N VAL A 238 -9.99 -13.71 11.78
CA VAL A 238 -10.83 -12.53 11.93
C VAL A 238 -10.85 -11.75 10.60
N GLN A 239 -9.73 -11.79 9.90
CA GLN A 239 -9.57 -11.07 8.62
CA GLN A 239 -9.61 -11.05 8.64
C GLN A 239 -10.34 -11.74 7.49
N ILE A 240 -10.44 -13.07 7.54
CA ILE A 240 -11.31 -13.82 6.60
C ILE A 240 -12.78 -13.40 6.78
N ALA A 241 -13.22 -13.27 8.02
CA ALA A 241 -14.58 -12.81 8.29
C ALA A 241 -14.80 -11.39 7.75
N SER A 242 -13.85 -10.48 7.94
CA SER A 242 -14.09 -9.10 7.51
C SER A 242 -13.95 -8.93 6.00
N ILE A 243 -13.08 -9.69 5.34
CA ILE A 243 -13.00 -9.60 3.87
C ILE A 243 -14.33 -10.02 3.20
N ASP A 244 -15.11 -10.87 3.83
CA ASP A 244 -16.42 -11.26 3.29
C ASP A 244 -17.39 -10.09 3.24
N HIS A 245 -17.22 -9.13 4.16
CA HIS A 245 -17.97 -7.88 4.11
C HIS A 245 -17.56 -7.02 2.90
N LEU A 246 -16.27 -6.99 2.58
CA LEU A 246 -15.79 -6.33 1.37
C LEU A 246 -16.36 -7.00 0.13
N LEU A 247 -16.26 -8.32 0.06
CA LEU A 247 -16.76 -9.02 -1.13
C LEU A 247 -18.24 -8.77 -1.36
N HIS A 248 -19.04 -8.90 -0.30
CA HIS A 248 -20.50 -8.66 -0.33
C HIS A 248 -20.82 -7.21 -0.77
N ALA A 249 -20.16 -6.23 -0.16
CA ALA A 249 -20.40 -4.85 -0.50
C ALA A 249 -20.05 -4.56 -1.97
N ALA A 250 -18.95 -5.13 -2.46
CA ALA A 250 -18.45 -4.87 -3.81
C ALA A 250 -19.35 -5.55 -4.86
N ALA A 251 -19.69 -6.81 -4.61
CA ALA A 251 -20.56 -7.60 -5.50
C ALA A 251 -21.88 -6.89 -5.79
N SER A 252 -22.50 -6.37 -4.74
CA SER A 252 -23.75 -5.63 -4.85
C SER A 252 -23.65 -4.28 -5.59
N ARG A 253 -22.44 -3.76 -5.77
CA ARG A 253 -22.23 -2.45 -6.38
C ARG A 253 -21.50 -2.53 -7.71
N GLY A 254 -21.45 -3.72 -8.29
CA GLY A 254 -20.96 -3.89 -9.64
C GLY A 254 -19.45 -3.79 -9.76
N VAL A 255 -18.75 -4.11 -8.69
CA VAL A 255 -17.29 -4.06 -8.71
C VAL A 255 -16.74 -5.46 -8.87
N ASP A 256 -15.87 -5.66 -9.86
CA ASP A 256 -15.24 -6.97 -10.09
C ASP A 256 -14.40 -7.37 -8.87
N ASN A 257 -14.64 -8.59 -8.38
CA ASN A 257 -14.04 -9.08 -7.14
C ASN A 257 -12.87 -10.04 -7.33
N ALA A 258 -12.26 -10.08 -8.51
CA ALA A 258 -11.13 -10.99 -8.67
C ALA A 258 -10.09 -10.75 -7.56
N LEU A 259 -9.74 -9.49 -7.32
CA LEU A 259 -8.64 -9.21 -6.39
C LEU A 259 -8.95 -9.68 -4.96
N PRO A 260 -10.01 -9.17 -4.34
CA PRO A 260 -10.27 -9.60 -2.99
C PRO A 260 -10.64 -11.11 -2.85
N GLU A 261 -11.08 -11.75 -3.93
CA GLU A 261 -11.29 -13.20 -3.94
C GLU A 261 -9.97 -13.91 -3.84
N LEU A 262 -8.98 -13.47 -4.61
CA LEU A 262 -7.64 -14.00 -4.48
C LEU A 262 -7.05 -13.77 -3.07
N LEU A 263 -7.18 -12.57 -2.53
CA LEU A 263 -6.68 -12.28 -1.18
C LEU A 263 -7.38 -13.17 -0.11
N LYS A 264 -8.68 -13.39 -0.28
CA LYS A 264 -9.42 -14.28 0.60
C LYS A 264 -8.88 -15.71 0.50
N SER A 265 -8.64 -16.16 -0.74
CA SER A 265 -8.14 -17.50 -1.00
C SER A 265 -6.80 -17.70 -0.33
N VAL A 266 -5.93 -16.69 -0.44
CA VAL A 266 -4.62 -16.70 0.18
C VAL A 266 -4.73 -16.81 1.72
N MET A 267 -5.65 -16.05 2.31
CA MET A 267 -5.92 -16.20 3.75
C MET A 267 -6.49 -17.58 4.13
N GLU A 268 -7.43 -18.07 3.32
CA GLU A 268 -7.96 -19.44 3.51
C GLU A 268 -6.86 -20.50 3.42
N GLN A 269 -5.95 -20.33 2.46
CA GLN A 269 -4.82 -21.22 2.33
C GLN A 269 -3.97 -21.20 3.59
N ALA A 270 -3.70 -20.00 4.13
CA ALA A 270 -2.92 -19.90 5.35
C ALA A 270 -3.64 -20.54 6.54
N ARG A 271 -4.94 -20.30 6.65
CA ARG A 271 -5.76 -20.96 7.68
C ARG A 271 -5.68 -22.48 7.59
N ALA A 272 -5.83 -23.02 6.39
CA ALA A 272 -5.76 -24.48 6.16
C ALA A 272 -4.42 -25.07 6.58
N ALA A 273 -3.36 -24.27 6.47
CA ALA A 273 -2.01 -24.68 6.86
C ALA A 273 -1.74 -24.48 8.36
N GLY A 274 -2.77 -24.12 9.11
CA GLY A 274 -2.66 -23.96 10.57
C GLY A 274 -2.41 -22.56 11.10
N HIS A 275 -2.63 -21.54 10.29
CA HIS A 275 -2.28 -20.17 10.68
C HIS A 275 -3.47 -19.26 11.00
N GLY A 276 -4.64 -19.86 11.24
CA GLY A 276 -5.84 -19.12 11.57
C GLY A 276 -5.72 -18.20 12.77
N SER A 277 -4.91 -18.61 13.75
CA SER A 277 -4.70 -17.79 14.93
C SER A 277 -3.42 -16.95 14.89
N ASP A 278 -2.71 -17.00 13.78
CA ASP A 278 -1.49 -16.21 13.63
C ASP A 278 -1.83 -14.85 13.03
N SER A 279 -0.86 -13.95 13.05
CA SER A 279 -1.00 -12.68 12.34
C SER A 279 -1.00 -12.88 10.81
N TYR A 280 -1.35 -11.81 10.09
CA TYR A 280 -1.42 -11.85 8.63
C TYR A 280 -0.04 -12.16 7.99
N ALA A 281 1.04 -11.81 8.67
CA ALA A 281 2.38 -12.11 8.14
C ALA A 281 2.58 -13.61 7.85
N SER A 282 1.82 -14.47 8.56
CA SER A 282 1.84 -15.92 8.31
C SER A 282 1.47 -16.27 6.87
N VAL A 283 0.72 -15.38 6.20
CA VAL A 283 0.38 -15.60 4.81
C VAL A 283 1.63 -15.84 3.91
N ILE A 284 2.78 -15.30 4.28
CA ILE A 284 3.99 -15.58 3.52
C ILE A 284 4.32 -17.09 3.44
N GLU A 285 3.90 -17.86 4.45
CA GLU A 285 4.06 -19.32 4.44
C GLU A 285 3.41 -20.01 3.23
N VAL A 286 2.37 -19.41 2.70
CA VAL A 286 1.64 -19.96 1.59
C VAL A 286 2.05 -19.34 0.24
N LEU A 287 3.06 -18.47 0.25
CA LEU A 287 3.59 -17.88 -0.98
C LEU A 287 4.97 -18.47 -1.35
N ARG A 288 5.42 -19.47 -0.61
CA ARG A 288 6.64 -20.23 -0.97
C ARG A 288 6.34 -21.67 -1.37
N HIS B 4 -14.81 15.18 33.26
CA HIS B 4 -16.19 14.70 33.59
C HIS B 4 -16.66 13.61 32.59
N PRO B 5 -15.89 12.50 32.49
CA PRO B 5 -16.28 11.39 31.63
C PRO B 5 -17.47 10.60 32.18
N PRO B 6 -18.26 9.97 31.30
CA PRO B 6 -19.39 9.18 31.73
C PRO B 6 -18.98 7.74 32.06
N ALA B 7 -19.88 6.99 32.70
CA ALA B 7 -19.70 5.56 32.88
C ALA B 7 -19.81 4.92 31.50
N VAL B 8 -18.96 3.93 31.24
CA VAL B 8 -18.94 3.27 29.93
C VAL B 8 -18.90 1.77 30.08
N THR B 9 -19.59 1.08 29.18
CA THR B 9 -19.58 -0.38 29.11
C THR B 9 -18.98 -0.82 27.78
N VAL B 10 -18.15 -1.87 27.85
CA VAL B 10 -17.66 -2.52 26.66
C VAL B 10 -18.12 -3.98 26.65
N ILE B 11 -18.82 -4.36 25.57
CA ILE B 11 -19.25 -5.73 25.34
C ILE B 11 -18.34 -6.35 24.29
N GLY B 12 -17.56 -7.34 24.74
CA GLY B 12 -16.61 -8.04 23.88
C GLY B 12 -15.22 -7.65 24.32
N LEU B 13 -14.46 -8.63 24.79
CA LEU B 13 -13.11 -8.41 25.28
C LEU B 13 -12.11 -9.29 24.53
N GLY B 14 -12.25 -9.31 23.20
CA GLY B 14 -11.25 -9.91 22.34
C GLY B 14 -10.02 -9.02 22.26
N LEU B 15 -9.19 -9.26 21.26
CA LEU B 15 -7.98 -8.48 21.06
C LEU B 15 -8.30 -6.99 21.01
N MET B 16 -9.34 -6.62 20.29
CA MET B 16 -9.69 -5.21 20.14
C MET B 16 -10.53 -4.71 21.28
N GLY B 17 -11.55 -5.46 21.66
CA GLY B 17 -12.39 -5.08 22.80
C GLY B 17 -11.64 -4.76 24.09
N SER B 18 -10.68 -5.63 24.42
CA SER B 18 -9.75 -5.43 25.55
C SER B 18 -9.08 -4.09 25.49
N ALA B 19 -8.53 -3.77 24.32
CA ALA B 19 -7.76 -2.55 24.16
C ALA B 19 -8.65 -1.33 24.33
N LEU B 20 -9.89 -1.40 23.83
CA LEU B 20 -10.86 -0.31 24.00
C LEU B 20 -11.15 -0.08 25.49
N ALA B 21 -11.41 -1.18 26.19
CA ALA B 21 -11.68 -1.10 27.63
C ALA B 21 -10.48 -0.54 28.38
N ALA B 22 -9.27 -0.97 28.03
CA ALA B 22 -8.06 -0.49 28.74
C ALA B 22 -7.86 1.02 28.58
N VAL B 23 -8.13 1.55 27.40
CA VAL B 23 -8.02 2.98 27.13
C VAL B 23 -9.09 3.78 27.89
N LEU B 24 -10.32 3.26 27.90
CA LEU B 24 -11.40 3.96 28.59
C LEU B 24 -11.10 4.02 30.08
N LEU B 25 -10.59 2.92 30.59
CA LEU B 25 -10.16 2.83 31.97
C LEU B 25 -9.10 3.89 32.28
N ASP B 26 -8.05 3.95 31.46
CA ASP B 26 -6.96 4.90 31.71
C ASP B 26 -7.39 6.36 31.52
N ALA B 27 -8.43 6.60 30.73
CA ALA B 27 -8.99 7.95 30.59
C ALA B 27 -9.91 8.39 31.75
N GLY B 28 -10.08 7.55 32.77
CA GLY B 28 -10.89 7.92 33.94
C GLY B 28 -12.38 7.59 33.86
N CYS B 29 -12.77 6.71 32.94
CA CYS B 29 -14.18 6.31 32.85
C CYS B 29 -14.43 5.17 33.85
N PRO B 30 -15.53 5.24 34.61
CA PRO B 30 -15.96 4.03 35.28
C PRO B 30 -16.29 2.98 34.23
N THR B 31 -15.54 1.90 34.21
CA THR B 31 -15.57 0.93 33.11
C THR B 31 -16.15 -0.42 33.53
N THR B 32 -17.25 -0.81 32.87
CA THR B 32 -17.87 -2.11 33.05
C THR B 32 -17.72 -2.95 31.80
N VAL B 33 -17.51 -4.26 31.98
CA VAL B 33 -17.23 -5.13 30.85
C VAL B 33 -17.95 -6.46 30.93
N TRP B 34 -18.14 -7.03 29.75
CA TRP B 34 -18.61 -8.39 29.63
C TRP B 34 -18.00 -9.04 28.41
N ASN B 35 -17.73 -10.34 28.55
CA ASN B 35 -17.30 -11.18 27.46
C ASN B 35 -17.79 -12.60 27.71
N ARG B 36 -18.15 -13.33 26.65
CA ARG B 36 -18.54 -14.75 26.79
C ARG B 36 -17.53 -15.54 27.61
N SER B 37 -16.25 -15.41 27.27
CA SER B 37 -15.17 -16.03 28.07
C SER B 37 -14.65 -15.06 29.12
N ALA B 38 -15.09 -15.25 30.36
CA ALA B 38 -14.77 -14.34 31.45
C ALA B 38 -13.27 -14.19 31.72
N HIS B 39 -12.48 -15.23 31.43
CA HIS B 39 -11.06 -15.17 31.77
C HIS B 39 -10.34 -14.00 31.09
N LYS B 40 -10.84 -13.58 29.93
CA LYS B 40 -10.23 -12.46 29.20
C LYS B 40 -10.42 -11.12 29.90
N ALA B 41 -11.35 -11.06 30.87
CA ALA B 41 -11.55 -9.86 31.67
C ALA B 41 -10.54 -9.69 32.82
N GLN B 42 -9.79 -10.74 33.13
CA GLN B 42 -9.09 -10.75 34.42
C GLN B 42 -8.13 -9.57 34.58
N SER B 43 -7.32 -9.32 33.56
CA SER B 43 -6.36 -8.25 33.63
C SER B 43 -7.05 -6.88 33.76
N LEU B 44 -8.18 -6.74 33.06
CA LEU B 44 -8.96 -5.51 33.17
C LEU B 44 -9.58 -5.34 34.57
N VAL B 45 -10.13 -6.41 35.13
CA VAL B 45 -10.69 -6.35 36.49
C VAL B 45 -9.62 -5.95 37.51
N ASP B 46 -8.44 -6.57 37.45
CA ASP B 46 -7.31 -6.24 38.32
C ASP B 46 -6.96 -4.74 38.31
N ARG B 47 -7.20 -4.08 37.16
CA ARG B 47 -6.88 -2.65 36.97
C ARG B 47 -8.05 -1.72 37.28
N GLY B 48 -9.21 -2.26 37.63
CA GLY B 48 -10.36 -1.42 38.02
C GLY B 48 -11.64 -1.53 37.21
N ALA B 49 -11.70 -2.44 36.24
CA ALA B 49 -12.93 -2.71 35.52
C ALA B 49 -13.84 -3.62 36.35
N ARG B 50 -15.16 -3.41 36.21
CA ARG B 50 -16.14 -4.34 36.73
C ARG B 50 -16.59 -5.31 35.64
N LEU B 51 -16.47 -6.62 35.93
CA LEU B 51 -17.03 -7.68 35.10
C LEU B 51 -18.44 -8.10 35.58
N THR B 52 -19.44 -8.05 34.71
CA THR B 52 -20.74 -8.64 35.01
C THR B 52 -20.85 -10.07 34.51
N GLY B 53 -21.82 -10.80 35.05
CA GLY B 53 -22.09 -12.18 34.65
C GLY B 53 -22.78 -12.25 33.30
N THR B 54 -23.68 -11.30 33.05
CA THR B 54 -24.42 -11.27 31.79
C THR B 54 -24.25 -9.93 31.04
N PRO B 55 -24.53 -9.95 29.73
CA PRO B 55 -24.51 -8.72 28.94
C PRO B 55 -25.50 -7.69 29.45
N ARG B 56 -26.67 -8.15 29.88
CA ARG B 56 -27.72 -7.25 30.31
C ARG B 56 -27.24 -6.36 31.46
N GLU B 57 -26.62 -6.96 32.47
CA GLU B 57 -26.13 -6.19 33.63
C GLU B 57 -25.09 -5.16 33.19
N ALA B 58 -24.28 -5.53 32.20
CA ALA B 58 -23.26 -4.61 31.68
C ALA B 58 -23.92 -3.45 30.97
N VAL B 59 -24.94 -3.76 30.15
CA VAL B 59 -25.73 -2.73 29.47
C VAL B 59 -26.44 -1.80 30.47
N GLU B 60 -27.02 -2.38 31.51
CA GLU B 60 -27.72 -1.58 32.55
C GLU B 60 -26.80 -0.66 33.34
N ALA B 61 -25.53 -1.03 33.44
CA ALA B 61 -24.58 -0.30 34.26
C ALA B 61 -24.12 1.06 33.71
N SER B 62 -24.30 1.31 32.42
CA SER B 62 -23.75 2.54 31.81
C SER B 62 -24.74 3.15 30.81
N PRO B 63 -24.72 4.48 30.66
CA PRO B 63 -25.49 5.14 29.60
C PRO B 63 -24.84 4.98 28.21
N PHE B 64 -23.57 4.59 28.17
CA PHE B 64 -22.75 4.58 26.96
C PHE B 64 -22.18 3.19 26.79
N VAL B 65 -22.57 2.52 25.71
CA VAL B 65 -22.26 1.12 25.51
C VAL B 65 -21.51 0.93 24.17
N ILE B 66 -20.31 0.35 24.24
CA ILE B 66 -19.57 -0.03 23.06
C ILE B 66 -19.65 -1.53 22.88
N VAL B 67 -19.87 -1.97 21.65
CA VAL B 67 -19.83 -3.38 21.30
C VAL B 67 -18.70 -3.61 20.29
N CYS B 68 -17.89 -4.63 20.54
CA CYS B 68 -16.84 -5.01 19.63
C CYS B 68 -16.66 -6.52 19.71
N VAL B 69 -17.48 -7.21 18.92
CA VAL B 69 -17.50 -8.68 18.85
C VAL B 69 -17.16 -9.10 17.43
N LEU B 70 -17.13 -10.40 17.16
CA LEU B 70 -16.72 -10.87 15.83
C LEU B 70 -17.53 -10.24 14.70
N ASP B 71 -18.85 -10.37 14.74
CA ASP B 71 -19.72 -9.86 13.68
C ASP B 71 -21.09 -9.52 14.25
N TYR B 72 -21.95 -9.00 13.38
CA TYR B 72 -23.23 -8.46 13.83
C TYR B 72 -24.21 -9.53 14.28
N ASP B 73 -24.10 -10.74 13.71
CA ASP B 73 -24.95 -11.87 14.18
C ASP B 73 -24.71 -12.11 15.67
N VAL B 74 -23.43 -12.11 16.05
CA VAL B 74 -23.04 -12.28 17.46
C VAL B 74 -23.57 -11.14 18.31
N LEU B 75 -23.52 -9.92 17.77
CA LEU B 75 -24.07 -8.75 18.48
C LEU B 75 -25.55 -8.97 18.83
N TYR B 76 -26.35 -9.37 17.84
CA TYR B 76 -27.79 -9.58 18.05
C TYR B 76 -27.99 -10.75 19.03
N SER B 77 -27.17 -11.78 18.87
CA SER B 77 -27.23 -12.95 19.71
C SER B 77 -26.98 -12.60 21.19
N VAL B 78 -25.93 -11.82 21.49
CA VAL B 78 -25.63 -11.50 22.91
C VAL B 78 -26.50 -10.38 23.46
N LEU B 79 -27.04 -9.53 22.61
CA LEU B 79 -27.86 -8.42 23.08
C LEU B 79 -29.37 -8.68 23.03
N ALA B 80 -29.80 -9.74 22.35
CA ALA B 80 -31.24 -10.05 22.25
C ALA B 80 -31.92 -10.10 23.61
N PRO B 81 -31.28 -10.76 24.59
CA PRO B 81 -31.87 -10.73 25.94
C PRO B 81 -31.87 -9.35 26.64
N SER B 82 -31.13 -8.36 26.15
CA SER B 82 -31.07 -7.04 26.80
C SER B 82 -31.90 -5.96 26.12
N VAL B 83 -32.71 -6.31 25.13
CA VAL B 83 -33.36 -5.28 24.29
C VAL B 83 -34.20 -4.30 25.13
N ASP B 84 -34.81 -4.80 26.20
CA ASP B 84 -35.65 -3.96 27.08
C ASP B 84 -34.83 -2.96 27.90
N ALA B 85 -33.50 -3.16 27.98
CA ALA B 85 -32.63 -2.28 28.77
C ALA B 85 -31.91 -1.26 27.93
N LEU B 86 -32.12 -1.29 26.60
CA LEU B 86 -31.39 -0.39 25.72
C LEU B 86 -31.93 1.03 25.71
N ALA B 87 -33.18 1.22 26.13
CA ALA B 87 -33.84 2.54 25.98
C ALA B 87 -33.09 3.65 26.70
N GLY B 88 -32.81 4.74 25.99
CA GLY B 88 -32.13 5.89 26.59
C GLY B 88 -30.62 5.76 26.55
N LYS B 89 -30.13 4.61 26.12
CA LYS B 89 -28.70 4.35 26.02
C LYS B 89 -28.15 4.87 24.69
N VAL B 90 -26.84 4.99 24.62
CA VAL B 90 -26.15 5.15 23.33
C VAL B 90 -25.38 3.87 23.07
N LEU B 91 -25.55 3.30 21.89
CA LEU B 91 -24.85 2.08 21.54
C LEU B 91 -23.90 2.44 20.41
N VAL B 92 -22.61 2.22 20.63
CA VAL B 92 -21.59 2.50 19.63
C VAL B 92 -21.02 1.20 19.18
N ASN B 93 -21.33 0.83 17.95
CA ASN B 93 -20.99 -0.49 17.45
C ASN B 93 -19.71 -0.47 16.62
N LEU B 94 -18.62 -0.97 17.18
CA LEU B 94 -17.29 -0.94 16.53
C LEU B 94 -16.96 -2.33 15.98
N THR B 95 -17.98 -3.18 15.93
CA THR B 95 -17.88 -4.44 15.24
C THR B 95 -17.72 -4.21 13.72
N SER B 96 -16.95 -5.07 13.05
CA SER B 96 -16.82 -5.01 11.59
C SER B 96 -18.12 -5.54 10.97
N GLY B 97 -18.54 -4.92 9.86
CA GLY B 97 -19.67 -5.41 9.07
C GLY B 97 -19.82 -4.70 7.73
N SER B 98 -20.91 -5.01 7.04
CA SER B 98 -21.22 -4.40 5.75
C SER B 98 -22.15 -3.18 5.94
N PRO B 99 -22.18 -2.27 4.97
CA PRO B 99 -23.07 -1.11 5.09
C PRO B 99 -24.53 -1.49 5.39
N GLU B 100 -24.97 -2.59 4.79
CA GLU B 100 -26.35 -3.07 4.91
C GLU B 100 -26.62 -3.51 6.37
N GLN B 101 -25.66 -4.21 6.95
CA GLN B 101 -25.75 -4.61 8.37
C GLN B 101 -25.76 -3.42 9.32
N ALA B 102 -24.99 -2.39 9.00
CA ALA B 102 -24.91 -1.19 9.83
C ALA B 102 -26.25 -0.45 9.84
N ARG B 103 -26.91 -0.37 8.69
CA ARG B 103 -28.19 0.33 8.62
C ARG B 103 -29.29 -0.45 9.31
N GLU B 104 -29.25 -1.78 9.21
CA GLU B 104 -30.19 -2.62 9.94
C GLU B 104 -30.01 -2.48 11.45
N ALA B 105 -28.75 -2.44 11.91
CA ALA B 105 -28.46 -2.38 13.34
C ALA B 105 -28.96 -1.07 13.94
N MET B 106 -28.85 0.03 13.18
CA MET B 106 -29.37 1.29 13.64
C MET B 106 -30.90 1.25 13.81
N ALA B 107 -31.58 0.71 12.81
CA ALA B 107 -33.04 0.58 12.88
C ALA B 107 -33.43 -0.26 14.10
N TRP B 108 -32.75 -1.38 14.28
CA TRP B 108 -32.99 -2.27 15.43
C TRP B 108 -32.79 -1.60 16.79
N ALA B 109 -31.68 -0.87 16.94
CA ALA B 109 -31.39 -0.12 18.18
C ALA B 109 -32.42 0.97 18.41
N ARG B 110 -32.80 1.67 17.35
CA ARG B 110 -33.81 2.72 17.49
C ARG B 110 -35.17 2.14 17.88
N SER B 111 -35.48 0.96 17.37
CA SER B 111 -36.75 0.31 17.70
C SER B 111 -36.85 -0.02 19.20
N HIS B 112 -35.71 -0.21 19.85
CA HIS B 112 -35.68 -0.41 21.30
C HIS B 112 -35.30 0.84 22.10
N GLY B 113 -35.35 2.01 21.45
CA GLY B 113 -35.21 3.29 22.14
C GLY B 113 -33.80 3.80 22.37
N ALA B 114 -32.81 3.18 21.75
CA ALA B 114 -31.41 3.58 21.93
C ALA B 114 -30.93 4.51 20.81
N ASP B 115 -30.03 5.43 21.17
CA ASP B 115 -29.21 6.12 20.18
C ASP B 115 -28.14 5.16 19.65
N TYR B 116 -27.78 5.33 18.38
CA TYR B 116 -26.85 4.42 17.73
C TYR B 116 -25.84 5.13 16.83
N LEU B 117 -24.58 4.72 16.94
CA LEU B 117 -23.53 5.08 16.00
C LEU B 117 -22.83 3.82 15.56
N ASP B 118 -22.48 3.78 14.28
CA ASP B 118 -21.71 2.67 13.72
C ASP B 118 -20.31 3.19 13.44
N GLY B 119 -19.31 2.43 13.88
CA GLY B 119 -17.93 2.84 13.77
C GLY B 119 -17.03 1.77 13.18
N ALA B 120 -15.88 2.21 12.69
CA ALA B 120 -14.87 1.35 12.10
C ALA B 120 -13.53 1.76 12.66
N ILE B 121 -12.82 0.84 13.29
CA ILE B 121 -11.54 1.12 13.92
C ILE B 121 -10.40 0.95 12.89
N MET B 122 -9.74 2.05 12.51
CA MET B 122 -8.67 1.96 11.52
C MET B 122 -7.29 1.93 12.20
N THR B 123 -7.09 0.87 12.98
CA THR B 123 -5.83 0.59 13.70
C THR B 123 -5.92 -0.81 14.29
N THR B 124 -4.77 -1.41 14.58
CA THR B 124 -4.74 -2.61 15.39
C THR B 124 -4.77 -2.18 16.87
N PRO B 125 -4.85 -3.14 17.82
CA PRO B 125 -5.08 -2.74 19.22
C PRO B 125 -4.07 -1.79 19.85
N PRO B 126 -2.75 -1.93 19.55
CA PRO B 126 -1.79 -0.98 20.16
C PRO B 126 -2.07 0.50 19.88
N GLY B 127 -2.61 0.82 18.71
CA GLY B 127 -2.87 2.20 18.35
C GLY B 127 -4.13 2.79 18.95
N VAL B 128 -4.99 1.95 19.54
CA VAL B 128 -6.18 2.48 20.23
C VAL B 128 -5.65 3.43 21.32
N GLY B 129 -6.23 4.63 21.40
CA GLY B 129 -5.76 5.63 22.35
C GLY B 129 -4.94 6.70 21.68
N SER B 130 -4.34 6.38 20.53
CA SER B 130 -3.55 7.37 19.77
C SER B 130 -4.42 8.28 18.90
N PRO B 131 -4.34 9.61 19.13
CA PRO B 131 -5.12 10.54 18.30
C PRO B 131 -4.77 10.57 16.81
N GLU B 132 -3.73 9.87 16.35
CA GLU B 132 -3.48 9.77 14.91
C GLU B 132 -4.31 8.67 14.25
N MET B 133 -4.83 7.73 15.03
CA MET B 133 -5.58 6.62 14.46
C MET B 133 -7.05 6.98 14.21
N MET B 134 -7.47 6.79 12.96
CA MET B 134 -8.83 7.12 12.53
C MET B 134 -9.84 6.13 13.08
N PHE B 135 -10.94 6.68 13.61
CA PHE B 135 -12.13 5.92 13.92
C PHE B 135 -13.22 6.58 13.07
N LEU B 136 -13.85 5.83 12.18
CA LEU B 136 -14.83 6.40 11.25
C LEU B 136 -16.22 6.09 11.78
N TYR B 137 -17.09 7.09 11.81
CA TYR B 137 -18.42 6.96 12.37
C TYR B 137 -19.49 7.39 11.38
N GLY B 138 -20.62 6.68 11.43
CA GLY B 138 -21.82 7.08 10.73
C GLY B 138 -23.01 7.00 11.65
N GLY B 139 -23.95 7.91 11.46
CA GLY B 139 -25.13 8.03 12.31
C GLY B 139 -25.47 9.49 12.55
N PRO B 140 -26.48 9.77 13.40
CA PRO B 140 -26.96 11.15 13.50
C PRO B 140 -25.96 12.13 14.10
N ASP B 141 -25.87 13.32 13.50
CA ASP B 141 -25.06 14.44 13.98
C ASP B 141 -25.10 14.59 15.49
N ASP B 142 -26.33 14.71 16.01
CA ASP B 142 -26.60 14.99 17.42
C ASP B 142 -25.92 13.99 18.33
N VAL B 143 -26.05 12.71 17.98
CA VAL B 143 -25.45 11.62 18.75
C VAL B 143 -23.94 11.72 18.71
N PHE B 144 -23.37 11.92 17.53
CA PHE B 144 -21.94 12.04 17.40
C PHE B 144 -21.40 13.25 18.16
N ASP B 145 -22.08 14.38 18.03
CA ASP B 145 -21.64 15.61 18.71
C ASP B 145 -21.72 15.48 20.23
N ALA B 146 -22.79 14.86 20.74
CA ALA B 146 -22.93 14.66 22.18
C ALA B 146 -21.85 13.75 22.76
N HIS B 147 -21.35 12.81 21.96
CA HIS B 147 -20.44 11.78 22.47
C HIS B 147 -19.01 11.84 21.95
N ARG B 148 -18.70 12.89 21.18
CA ARG B 148 -17.40 13.04 20.56
C ARG B 148 -16.25 12.98 21.56
N GLN B 149 -16.44 13.66 22.67
CA GLN B 149 -15.38 13.80 23.67
C GLN B 149 -14.96 12.42 24.24
N THR B 150 -15.93 11.54 24.43
CA THR B 150 -15.68 10.17 24.89
C THR B 150 -15.01 9.36 23.77
N LEU B 151 -15.53 9.49 22.54
CA LEU B 151 -14.93 8.80 21.38
C LEU B 151 -13.49 9.21 21.14
N ALA B 152 -13.20 10.49 21.37
CA ALA B 152 -11.85 11.03 21.24
C ALA B 152 -10.81 10.34 22.14
N PHE B 153 -11.25 9.71 23.22
CA PHE B 153 -10.34 8.92 24.05
C PHE B 153 -9.71 7.77 23.26
N LEU B 154 -10.45 7.24 22.29
CA LEU B 154 -10.04 6.03 21.59
C LEU B 154 -9.16 6.33 20.38
N GLY B 155 -9.31 7.53 19.84
CA GLY B 155 -8.57 7.96 18.67
C GLY B 155 -9.15 9.22 18.08
N ASP B 156 -8.95 9.41 16.78
CA ASP B 156 -9.44 10.59 16.05
C ASP B 156 -10.82 10.26 15.48
N PRO B 157 -11.87 10.81 16.08
CA PRO B 157 -13.18 10.36 15.66
C PRO B 157 -13.69 11.20 14.50
N LEU B 158 -13.92 10.57 13.36
CA LEU B 158 -14.30 11.23 12.12
C LEU B 158 -15.71 10.81 11.73
N HIS B 159 -16.63 11.76 11.79
CA HIS B 159 -18.00 11.52 11.46
C HIS B 159 -18.15 11.68 9.95
N LEU B 160 -18.49 10.58 9.28
CA LEU B 160 -18.64 10.60 7.83
C LEU B 160 -19.99 11.14 7.40
N GLY B 161 -21.00 11.11 8.26
CA GLY B 161 -22.32 11.61 7.90
C GLY B 161 -23.43 10.82 8.55
N ASP B 162 -24.66 11.18 8.23
CA ASP B 162 -25.81 10.60 8.93
C ASP B 162 -26.09 9.13 8.58
N ASP B 163 -25.69 8.66 7.41
CA ASP B 163 -25.87 7.24 7.06
C ASP B 163 -24.89 6.34 7.84
N PRO B 164 -25.41 5.42 8.69
CA PRO B 164 -24.48 4.52 9.41
C PRO B 164 -23.67 3.59 8.51
N GLY B 165 -24.19 3.24 7.35
CA GLY B 165 -23.47 2.39 6.41
C GLY B 165 -22.22 3.01 5.84
N LEU B 166 -22.08 4.33 5.94
CA LEU B 166 -20.89 5.01 5.42
C LEU B 166 -19.59 4.54 6.08
N ALA B 167 -19.63 4.33 7.39
CA ALA B 167 -18.47 3.89 8.13
C ALA B 167 -17.98 2.58 7.55
N SER B 168 -18.90 1.64 7.40
CA SER B 168 -18.57 0.32 6.92
C SER B 168 -18.18 0.33 5.44
N LEU B 169 -18.79 1.22 4.67
CA LEU B 169 -18.43 1.39 3.24
C LEU B 169 -16.95 1.78 3.09
N TYR B 170 -16.53 2.79 3.83
CA TYR B 170 -15.14 3.22 3.80
C TYR B 170 -14.22 2.14 4.35
N ASP B 171 -14.68 1.49 5.43
CA ASP B 171 -13.91 0.44 6.14
C ASP B 171 -13.51 -0.70 5.20
N VAL B 172 -14.47 -1.31 4.53
CA VAL B 172 -14.16 -2.46 3.65
C VAL B 172 -13.26 -2.00 2.51
N ALA B 173 -13.50 -0.81 1.98
CA ALA B 173 -12.66 -0.26 0.92
C ALA B 173 -11.22 -0.07 1.43
N LEU B 174 -11.08 0.48 2.64
CA LEU B 174 -9.76 0.67 3.25
C LEU B 174 -9.11 -0.67 3.63
N LEU B 175 -9.88 -1.64 4.12
CA LEU B 175 -9.31 -2.95 4.43
C LEU B 175 -8.80 -3.67 3.16
N GLY B 176 -9.53 -3.57 2.09
CA GLY B 176 -9.11 -4.13 0.78
C GLY B 176 -7.77 -3.57 0.34
N LEU B 177 -7.64 -2.25 0.45
CA LEU B 177 -6.34 -1.58 0.30
C LEU B 177 -5.25 -2.20 1.20
N MET B 178 -5.58 -2.44 2.47
CA MET B 178 -4.59 -2.96 3.43
C MET B 178 -4.19 -4.38 3.06
N TRP B 179 -5.16 -5.25 2.83
CA TRP B 179 -4.86 -6.63 2.42
C TRP B 179 -4.05 -6.67 1.11
N SER B 180 -4.38 -5.80 0.17
CA SER B 180 -3.62 -5.76 -1.08
C SER B 180 -2.16 -5.37 -0.83
N THR B 181 -1.96 -4.32 -0.04
CA THR B 181 -0.61 -3.84 0.31
C THR B 181 0.20 -4.91 1.06
N LEU B 182 -0.41 -5.50 2.08
CA LEU B 182 0.27 -6.52 2.90
C LEU B 182 0.73 -7.70 2.07
N THR B 183 -0.13 -8.15 1.15
CA THR B 183 0.15 -9.32 0.35
C THR B 183 1.24 -9.03 -0.70
N GLY B 184 1.14 -7.88 -1.37
CA GLY B 184 2.21 -7.45 -2.27
C GLY B 184 3.55 -7.27 -1.55
N TRP B 185 3.50 -6.73 -0.33
CA TRP B 185 4.70 -6.60 0.49
C TRP B 185 5.27 -7.96 0.81
N LEU B 186 4.41 -8.87 1.24
CA LEU B 186 4.85 -10.25 1.59
C LEU B 186 5.44 -10.99 0.38
N HIS B 187 4.81 -10.80 -0.77
CA HIS B 187 5.33 -11.41 -2.01
C HIS B 187 6.75 -10.91 -2.34
N GLY B 188 6.93 -9.59 -2.30
CA GLY B 188 8.25 -8.99 -2.52
C GLY B 188 9.27 -9.38 -1.47
N THR B 189 8.85 -9.42 -0.21
CA THR B 189 9.72 -9.85 0.87
C THR B 189 10.21 -11.31 0.68
N ALA B 190 9.32 -12.21 0.28
CA ALA B 190 9.71 -13.57 -0.07
C ALA B 190 10.80 -13.56 -1.15
N LEU B 191 10.59 -12.74 -2.15
CA LEU B 191 11.50 -12.63 -3.27
C LEU B 191 12.90 -12.19 -2.85
N VAL B 192 13.03 -11.05 -2.18
CA VAL B 192 14.36 -10.57 -1.77
C VAL B 192 14.95 -11.49 -0.71
N GLY B 193 14.09 -12.14 0.07
CA GLY B 193 14.50 -13.10 1.10
C GLY B 193 15.21 -14.35 0.58
N ALA B 194 14.77 -14.84 -0.58
CA ALA B 194 15.49 -15.91 -1.29
C ALA B 194 16.94 -15.53 -1.60
N GLU B 195 17.23 -14.23 -1.69
CA GLU B 195 18.61 -13.75 -1.85
C GLU B 195 19.29 -13.36 -0.56
N LYS B 196 18.73 -13.76 0.59
CA LYS B 196 19.31 -13.47 1.90
C LYS B 196 19.30 -12.01 2.32
N THR B 197 18.42 -11.21 1.72
CA THR B 197 18.04 -9.91 2.26
C THR B 197 16.91 -10.12 3.28
N SER B 198 17.14 -9.76 4.54
CA SER B 198 16.14 -9.98 5.58
C SER B 198 14.96 -9.04 5.38
N ALA B 199 13.79 -9.45 5.87
CA ALA B 199 12.58 -8.60 5.86
C ALA B 199 12.85 -7.29 6.59
N THR B 200 13.63 -7.37 7.66
CA THR B 200 13.95 -6.18 8.46
C THR B 200 14.87 -5.21 7.71
N THR B 201 15.68 -5.73 6.80
CA THR B 201 16.46 -4.88 5.90
C THR B 201 15.62 -4.26 4.77
N PHE B 202 14.75 -5.06 4.15
CA PHE B 202 13.95 -4.62 3.01
C PHE B 202 12.85 -3.62 3.41
N THR B 203 12.24 -3.84 4.56
CA THR B 203 10.99 -3.20 4.88
C THR B 203 11.08 -1.66 5.01
N PRO B 204 12.16 -1.13 5.60
CA PRO B 204 12.24 0.34 5.62
C PRO B 204 12.20 1.00 4.22
N PHE B 205 12.70 0.30 3.21
CA PHE B 205 12.60 0.78 1.82
C PHE B 205 11.16 0.73 1.34
N ALA B 206 10.45 -0.34 1.69
CA ALA B 206 9.02 -0.47 1.40
C ALA B 206 8.20 0.63 2.07
N VAL B 207 8.53 0.94 3.32
CA VAL B 207 7.79 1.95 4.06
C VAL B 207 7.96 3.29 3.38
N ARG B 208 9.20 3.63 3.09
CA ARG B 208 9.51 4.89 2.41
C ARG B 208 8.85 4.98 1.04
N TRP B 209 8.95 3.89 0.28
CA TRP B 209 8.29 3.79 -1.02
C TRP B 209 6.78 4.04 -0.92
N LEU B 210 6.16 3.58 0.17
CA LEU B 210 4.71 3.76 0.29
C LEU B 210 4.30 5.23 0.36
N THR B 211 5.20 6.09 0.83
CA THR B 211 4.96 7.54 0.80
C THR B 211 4.79 8.02 -0.64
N ALA B 212 5.70 7.64 -1.52
CA ALA B 212 5.59 7.99 -2.94
C ALA B 212 4.38 7.32 -3.63
N VAL B 213 4.07 6.09 -3.24
CA VAL B 213 2.90 5.42 -3.78
C VAL B 213 1.63 6.16 -3.35
N ALA B 214 1.58 6.59 -2.09
CA ALA B 214 0.41 7.36 -1.61
C ALA B 214 0.26 8.63 -2.44
N GLY B 215 1.37 9.23 -2.85
CA GLY B 215 1.38 10.37 -3.78
C GLY B 215 0.78 10.04 -5.14
N PHE B 216 0.98 8.80 -5.61
CA PHE B 216 0.34 8.37 -6.85
C PHE B 216 -1.18 8.33 -6.66
N LEU B 217 -1.64 7.86 -5.51
CA LEU B 217 -3.08 7.86 -5.23
C LEU B 217 -3.65 9.28 -5.33
N THR B 218 -2.98 10.22 -4.72
CA THR B 218 -3.41 11.63 -4.74
C THR B 218 -3.50 12.21 -6.16
N THR B 219 -2.48 11.95 -6.97
CA THR B 219 -2.47 12.34 -8.37
C THR B 219 -3.60 11.71 -9.18
N TYR B 220 -3.86 10.43 -8.94
CA TYR B 220 -4.78 9.69 -9.79
C TYR B 220 -6.26 9.87 -9.41
N ALA B 221 -6.54 10.29 -8.18
CA ALA B 221 -7.93 10.54 -7.76
C ALA B 221 -8.77 11.39 -8.75
N PRO B 222 -8.29 12.60 -9.13
CA PRO B 222 -9.10 13.38 -10.07
C PRO B 222 -9.24 12.69 -11.44
N GLN B 223 -8.27 11.86 -11.82
CA GLN B 223 -8.41 11.04 -13.03
C GLN B 223 -9.56 10.03 -12.89
N VAL B 224 -9.59 9.31 -11.77
CA VAL B 224 -10.69 8.37 -11.53
C VAL B 224 -12.07 9.09 -11.58
N ASP B 225 -12.20 10.23 -10.95
CA ASP B 225 -13.50 10.96 -10.96
C ASP B 225 -13.88 11.48 -12.37
N ALA B 226 -12.89 11.87 -13.16
CA ALA B 226 -13.13 12.33 -14.54
C ALA B 226 -13.41 11.19 -15.55
N GLY B 227 -12.91 9.99 -15.30
CA GLY B 227 -12.95 8.92 -16.27
C GLY B 227 -11.95 9.13 -17.40
N ARG B 228 -10.87 9.85 -17.08
CA ARG B 228 -9.87 10.20 -18.08
C ARG B 228 -8.50 10.11 -17.43
N TYR B 229 -7.59 9.40 -18.09
CA TYR B 229 -6.37 8.88 -17.47
C TYR B 229 -5.09 9.20 -18.26
N PRO B 230 -4.68 10.48 -18.30
CA PRO B 230 -3.59 10.82 -19.19
C PRO B 230 -2.28 10.12 -18.81
N GLY B 231 -1.61 9.52 -19.80
CA GLY B 231 -0.35 8.81 -19.56
C GLY B 231 0.85 9.72 -19.57
N ASP B 232 0.82 10.77 -18.74
CA ASP B 232 1.88 11.80 -18.63
C ASP B 232 3.09 11.33 -17.82
N ASP B 233 2.87 10.41 -16.88
CA ASP B 233 3.90 9.99 -15.94
C ASP B 233 4.44 8.59 -16.25
N ALA B 234 3.53 7.63 -16.39
CA ALA B 234 3.89 6.26 -16.74
C ALA B 234 2.68 5.56 -17.32
N THR B 235 2.90 4.71 -18.31
CA THR B 235 1.81 4.09 -19.07
C THR B 235 1.57 2.64 -18.69
N VAL B 236 0.32 2.19 -18.92
CA VAL B 236 -0.04 0.79 -18.68
C VAL B 236 0.90 -0.14 -19.46
N ASP B 237 1.20 0.20 -20.72
CA ASP B 237 2.06 -0.67 -21.55
C ASP B 237 3.45 -0.84 -20.96
N VAL B 238 3.98 0.24 -20.38
CA VAL B 238 5.31 0.19 -19.78
C VAL B 238 5.30 -0.67 -18.53
N GLN B 239 4.18 -0.63 -17.81
CA GLN B 239 4.00 -1.35 -16.55
CA GLN B 239 4.10 -1.35 -16.57
C GLN B 239 3.81 -2.85 -16.79
N ILE B 240 3.18 -3.22 -17.91
CA ILE B 240 3.07 -4.63 -18.33
C ILE B 240 4.47 -5.21 -18.60
N ALA B 241 5.31 -4.44 -19.27
CA ALA B 241 6.68 -4.87 -19.52
C ALA B 241 7.46 -5.05 -18.20
N SER B 242 7.30 -4.14 -17.23
CA SER B 242 8.08 -4.25 -16.00
C SER B 242 7.52 -5.30 -15.05
N ILE B 243 6.22 -5.53 -15.03
CA ILE B 243 5.70 -6.62 -14.17
C ILE B 243 6.23 -8.01 -14.60
N ASP B 244 6.58 -8.19 -15.88
CA ASP B 244 7.17 -9.44 -16.34
C ASP B 244 8.53 -9.69 -15.70
N HIS B 245 9.25 -8.61 -15.36
CA HIS B 245 10.49 -8.74 -14.59
C HIS B 245 10.22 -9.26 -13.17
N LEU B 246 9.16 -8.77 -12.53
CA LEU B 246 8.74 -9.28 -11.24
C LEU B 246 8.34 -10.76 -11.33
N LEU B 247 7.53 -11.10 -12.32
CA LEU B 247 7.10 -12.50 -12.47
C LEU B 247 8.28 -13.44 -12.65
N HIS B 248 9.19 -13.10 -13.56
CA HIS B 248 10.41 -13.86 -13.84
C HIS B 248 11.30 -14.01 -12.59
N ALA B 249 11.55 -12.92 -11.90
CA ALA B 249 12.37 -12.97 -10.71
C ALA B 249 11.74 -13.85 -9.62
N ALA B 250 10.43 -13.77 -9.46
CA ALA B 250 9.72 -14.50 -8.41
C ALA B 250 9.66 -15.99 -8.74
N ALA B 251 9.31 -16.32 -9.99
CA ALA B 251 9.22 -17.70 -10.47
C ALA B 251 10.52 -18.48 -10.23
N SER B 252 11.64 -17.86 -10.54
CA SER B 252 12.95 -18.47 -10.34
C SER B 252 13.36 -18.64 -8.87
N ARG B 253 12.67 -17.98 -7.95
CA ARG B 253 13.01 -18.03 -6.53
C ARG B 253 11.93 -18.71 -5.70
N GLY B 254 11.03 -19.43 -6.37
CA GLY B 254 10.07 -20.28 -5.69
C GLY B 254 8.93 -19.52 -5.04
N VAL B 255 8.63 -18.34 -5.54
CA VAL B 255 7.55 -17.54 -4.96
C VAL B 255 6.31 -17.69 -5.82
N ASP B 256 5.19 -18.03 -5.18
CA ASP B 256 3.91 -18.18 -5.87
C ASP B 256 3.48 -16.84 -6.49
N ASN B 257 3.16 -16.90 -7.78
CA ASN B 257 2.88 -15.72 -8.59
C ASN B 257 1.40 -15.46 -8.85
N ALA B 258 0.51 -16.08 -8.10
CA ALA B 258 -0.91 -15.81 -8.34
C ALA B 258 -1.17 -14.31 -8.34
N LEU B 259 -0.67 -13.59 -7.33
CA LEU B 259 -1.02 -12.18 -7.20
C LEU B 259 -0.54 -11.34 -8.40
N PRO B 260 0.76 -11.32 -8.68
CA PRO B 260 1.20 -10.52 -9.81
C PRO B 260 0.70 -11.00 -11.20
N GLU B 261 0.31 -12.26 -11.32
CA GLU B 261 -0.35 -12.78 -12.53
C GLU B 261 -1.69 -12.11 -12.69
N LEU B 262 -2.47 -12.06 -11.61
CA LEU B 262 -3.73 -11.33 -11.64
C LEU B 262 -3.55 -9.85 -11.97
N LEU B 263 -2.61 -9.18 -11.31
CA LEU B 263 -2.34 -7.76 -11.61
C LEU B 263 -1.95 -7.54 -13.08
N LYS B 264 -1.14 -8.43 -13.63
CA LYS B 264 -0.78 -8.38 -15.04
C LYS B 264 -2.02 -8.53 -15.94
N SER B 265 -2.86 -9.50 -15.60
CA SER B 265 -4.09 -9.75 -16.34
C SER B 265 -4.99 -8.53 -16.36
N VAL B 266 -5.12 -7.89 -15.20
CA VAL B 266 -5.90 -6.67 -15.06
C VAL B 266 -5.34 -5.53 -15.94
N MET B 267 -4.01 -5.39 -15.97
CA MET B 267 -3.37 -4.44 -16.90
C MET B 267 -3.61 -4.79 -18.37
N GLU B 268 -3.47 -6.07 -18.70
CA GLU B 268 -3.76 -6.55 -20.07
C GLU B 268 -5.21 -6.28 -20.46
N GLN B 269 -6.13 -6.50 -19.53
CA GLN B 269 -7.54 -6.16 -19.74
C GLN B 269 -7.70 -4.68 -20.06
N ALA B 270 -7.03 -3.82 -19.29
CA ALA B 270 -7.13 -2.39 -19.53
C ALA B 270 -6.53 -2.01 -20.90
N ARG B 271 -5.39 -2.60 -21.23
CA ARG B 271 -4.78 -2.39 -22.56
C ARG B 271 -5.72 -2.80 -23.70
N ALA B 272 -6.35 -3.97 -23.57
CA ALA B 272 -7.29 -4.47 -24.58
C ALA B 272 -8.49 -3.53 -24.77
N ALA B 273 -8.86 -2.81 -23.71
CA ALA B 273 -9.94 -1.84 -23.73
C ALA B 273 -9.51 -0.47 -24.22
N GLY B 274 -8.28 -0.35 -24.71
CA GLY B 274 -7.76 0.90 -25.28
C GLY B 274 -6.96 1.81 -24.35
N HIS B 275 -6.50 1.29 -23.21
CA HIS B 275 -5.83 2.12 -22.22
C HIS B 275 -4.31 1.90 -22.10
N GLY B 276 -3.70 1.32 -23.14
CA GLY B 276 -2.25 1.05 -23.19
C GLY B 276 -1.38 2.27 -22.97
N SER B 277 -1.84 3.41 -23.45
CA SER B 277 -1.11 4.66 -23.29
C SER B 277 -1.65 5.54 -22.17
N ASP B 278 -2.62 5.06 -21.42
CA ASP B 278 -3.14 5.81 -20.27
C ASP B 278 -2.34 5.48 -19.02
N SER B 279 -2.56 6.27 -17.97
CA SER B 279 -2.02 5.95 -16.65
C SER B 279 -2.64 4.67 -16.06
N TYR B 280 -2.04 4.18 -14.97
CA TYR B 280 -2.52 2.97 -14.30
C TYR B 280 -3.94 3.16 -13.73
N ALA B 281 -4.31 4.39 -13.40
CA ALA B 281 -5.66 4.66 -12.91
C ALA B 281 -6.76 4.15 -13.88
N SER B 282 -6.43 4.09 -15.18
CA SER B 282 -7.35 3.54 -16.18
C SER B 282 -7.77 2.10 -15.88
N VAL B 283 -6.97 1.37 -15.09
CA VAL B 283 -7.33 0.03 -14.65
C VAL B 283 -8.73 -0.02 -13.97
N ILE B 284 -9.16 1.06 -13.34
CA ILE B 284 -10.51 1.08 -12.78
C ILE B 284 -11.61 0.83 -13.83
N GLU B 285 -11.35 1.17 -15.08
CA GLU B 285 -12.27 0.87 -16.18
C GLU B 285 -12.59 -0.62 -16.33
N VAL B 286 -11.68 -1.49 -15.93
CA VAL B 286 -11.94 -2.92 -16.03
C VAL B 286 -12.34 -3.54 -14.69
N LEU B 287 -12.56 -2.71 -13.68
CA LEU B 287 -13.12 -3.18 -12.41
C LEU B 287 -14.61 -2.80 -12.25
N ARG B 288 -15.16 -2.12 -13.26
CA ARG B 288 -16.53 -1.63 -13.27
C ARG B 288 -17.28 -2.21 -14.45
PA NAP C . 8.59 5.28 -22.55
O1A NAP C . 8.20 6.74 -22.41
O2A NAP C . 7.76 4.30 -23.36
O5B NAP C . 10.06 5.19 -23.14
C5B NAP C . 10.55 4.04 -23.82
C4B NAP C . 11.94 4.39 -24.33
O4B NAP C . 12.57 3.26 -24.92
C3B NAP C . 11.87 5.44 -25.42
O3B NAP C . 13.04 6.24 -25.32
C2B NAP C . 11.86 4.62 -26.69
O2B NAP C . 12.20 5.37 -27.86
C1B NAP C . 12.84 3.53 -26.32
N9A NAP C . 12.68 2.31 -27.14
C8A NAP C . 11.72 1.36 -27.02
N7A NAP C . 11.89 0.38 -27.94
C5A NAP C . 12.99 0.70 -28.64
C6A NAP C . 13.76 0.10 -29.75
N6A NAP C . 13.35 -1.06 -30.28
N1A NAP C . 14.86 0.74 -30.21
C2A NAP C . 15.24 1.90 -29.68
N3A NAP C . 14.59 2.49 -28.66
C4A NAP C . 13.50 1.96 -28.12
O3 NAP C . 8.75 4.65 -21.06
PN NAP C . 9.59 5.33 -19.85
O1N NAP C . 8.53 5.49 -18.78
O2N NAP C . 10.46 6.49 -20.28
O5D NAP C . 10.51 4.18 -19.24
C5D NAP C . 11.75 3.68 -19.74
C4D NAP C . 12.27 2.79 -18.61
O4D NAP C . 12.18 3.51 -17.38
C3D NAP C . 11.43 1.54 -18.42
O3D NAP C . 12.35 0.48 -18.15
C2D NAP C . 10.52 1.87 -17.22
O2D NAP C . 10.08 0.73 -16.48
C1D NAP C . 11.47 2.74 -16.41
N1N NAP C . 10.82 3.56 -15.37
C2N NAP C . 9.81 4.40 -15.67
C3N NAP C . 9.19 5.18 -14.69
C7N NAP C . 8.04 6.11 -15.02
O7N NAP C . 7.33 6.52 -14.12
N7N NAP C . 7.82 6.52 -16.26
C4N NAP C . 9.64 5.08 -13.39
C5N NAP C . 10.70 4.23 -13.10
C6N NAP C . 11.28 3.48 -14.11
P2B NAP C . 10.99 6.05 -28.73
O1X NAP C . 9.87 5.03 -28.71
O2X NAP C . 10.66 7.32 -27.96
O3X NAP C . 11.69 6.25 -30.06
C1 EDO D . -7.82 -5.50 11.23
O1 EDO D . -7.01 -4.32 10.99
C2 EDO D . -9.23 -5.26 10.66
O2 EDO D . -10.10 -6.40 10.77
PA NAP E . -11.27 -11.62 18.65
O1A NAP E . -10.13 -11.31 19.57
O2A NAP E . -11.52 -12.95 17.96
O5B NAP E . -12.62 -11.41 19.49
C5B NAP E . -13.90 -11.80 18.99
C4B NAP E . -14.93 -11.40 20.05
O4B NAP E . -16.23 -11.83 19.70
C3B NAP E . -14.61 -12.06 21.38
O3B NAP E . -15.02 -11.17 22.41
C2B NAP E . -15.46 -13.31 21.35
O2B NAP E . -15.75 -13.88 22.62
C1B NAP E . -16.71 -12.72 20.73
N9A NAP E . -17.58 -13.79 20.20
C8A NAP E . -17.39 -14.51 19.09
N7A NAP E . -18.41 -15.39 18.92
C5A NAP E . -19.26 -15.20 19.94
C6A NAP E . -20.54 -15.77 20.37
N6A NAP E . -21.08 -16.75 19.61
N1A NAP E . -21.12 -15.31 21.50
C2A NAP E . -20.55 -14.34 22.24
N3A NAP E . -19.39 -13.75 21.89
C4A NAP E . -18.72 -14.14 20.78
O3 NAP E . -11.41 -10.50 17.53
PN NAP E . -11.05 -8.94 17.63
O1N NAP E . -9.84 -8.81 16.76
O2N NAP E . -11.10 -8.36 19.02
O5D NAP E . -12.24 -8.38 16.70
C5D NAP E . -13.57 -8.03 17.07
C4D NAP E . -14.11 -7.06 16.01
O4D NAP E . -13.29 -5.89 15.87
C3D NAP E . -14.18 -7.71 14.65
O3D NAP E . -15.36 -7.32 13.90
C2D NAP E . -12.97 -7.18 13.93
O2D NAP E . -13.16 -7.26 12.51
C1D NAP E . -12.88 -5.76 14.50
N1N NAP E . -11.56 -5.11 14.37
C2N NAP E . -10.43 -5.71 14.81
C3N NAP E . -9.18 -5.08 14.69
C7N NAP E . -7.89 -5.70 15.18
O7N NAP E . -6.84 -5.18 14.84
N7N NAP E . -7.90 -6.75 16.00
C4N NAP E . -9.12 -3.85 14.11
C5N NAP E . -10.29 -3.26 13.65
C6N NAP E . -11.50 -3.91 13.81
P2B NAP E . -14.76 -14.97 23.32
O1X NAP E . -14.41 -15.90 22.20
O2X NAP E . -13.63 -14.18 23.91
O3X NAP E . -15.68 -15.56 24.39
C1 EDO F . 7.40 2.37 -12.82
O1 EDO F . 8.67 1.87 -12.38
C2 EDO F . 6.85 3.30 -11.75
O2 EDO F . 5.61 3.81 -12.25
#